data_8FTQ
#
_entry.id   8FTQ
#
_cell.length_a   53.350
_cell.length_b   90.283
_cell.length_c   65.027
_cell.angle_alpha   90.000
_cell.angle_beta   113.240
_cell.angle_gamma   90.000
#
_symmetry.space_group_name_H-M   'P 1 21 1'
#
loop_
_entity.id
_entity.type
_entity.pdbx_description
1 polymer 'Proteasomal ubiquitin receptor ADRM1'
2 polymer Ubiquitin
3 non-polymer N-(3-{[(3R)-5-fluoro-2-oxo-2,3-dihydro-1H-indol-3-yl]methyl}phenyl)-4-methoxybenzamide
4 water water
#
loop_
_entity_poly.entity_id
_entity_poly.type
_entity_poly.pdbx_seq_one_letter_code
_entity_poly.pdbx_strand_id
1 'polypeptide(L)'
;TTSGALFPSLVPGSRGASNKYLVEFRAGKMSLKGTTVTPDKRKGLVYIQQTDDSLIHFCWKDRTSGNVEDDLIIFPDDCE
FKRVPQCPSGRVYVLKFKAGSKRLFFWMQEPKTDQDEEHCRKVNEYLNNPPMPGALGASGSSGHELSAL
;
A,B
2 'polypeptide(L)' MQIFVKTLTGKTITLEVEPSDTIENVKAKIQDKEGIPPDQQRLIFAGKQLEDGRTLSDYNIQKESTLHLVLR C,D
#
# COMPACT_ATOMS: atom_id res chain seq x y z
N LYS A 20 2.61 23.85 -15.82
CA LYS A 20 2.19 22.91 -16.85
C LYS A 20 1.86 21.55 -16.24
N TYR A 21 1.24 20.68 -17.05
CA TYR A 21 0.88 19.34 -16.64
C TYR A 21 2.07 18.39 -16.80
N LEU A 22 2.29 17.54 -15.79
CA LEU A 22 3.34 16.54 -15.83
C LEU A 22 2.93 15.36 -16.72
N VAL A 23 1.63 15.05 -16.73
CA VAL A 23 1.07 14.02 -17.57
C VAL A 23 -0.33 14.48 -17.97
N GLU A 24 -0.74 14.20 -19.21
CA GLU A 24 -2.08 14.55 -19.66
C GLU A 24 -2.51 13.67 -20.84
N PHE A 25 -3.80 13.37 -20.90
CA PHE A 25 -4.36 12.64 -22.02
C PHE A 25 -5.88 12.77 -22.01
N ARG A 26 -6.47 12.69 -23.20
CA ARG A 26 -7.91 12.77 -23.36
C ARG A 26 -8.55 11.49 -22.85
N ALA A 27 -9.57 11.65 -22.00
CA ALA A 27 -10.35 10.54 -21.49
C ALA A 27 -11.67 11.05 -20.93
N GLY A 28 -12.74 10.25 -21.10
CA GLY A 28 -14.01 10.53 -20.47
C GLY A 28 -14.13 9.80 -19.13
N LYS A 29 -15.19 10.14 -18.37
CA LYS A 29 -15.50 9.45 -17.13
C LYS A 29 -16.61 8.43 -17.36
N MET A 30 -16.74 7.50 -16.41
CA MET A 30 -17.82 6.52 -16.44
C MET A 30 -18.21 5.87 -15.05
N SER A 31 -19.36 5.40 -14.82
CA SER A 31 -19.99 4.66 -13.52
C SER A 31 -20.49 3.43 -13.99
N LEU A 32 -20.12 2.20 -13.06
CA LEU A 32 -20.73 1.07 -12.86
C LEU A 32 -22.09 1.40 -12.03
N LYS A 33 -23.16 1.55 -12.45
CA LYS A 33 -24.33 1.61 -11.43
C LYS A 33 -24.67 0.25 -11.03
N GLY A 34 -23.80 -0.38 -10.25
CA GLY A 34 -24.05 -1.79 -9.88
C GLY A 34 -23.90 -2.74 -11.07
N THR A 35 -25.01 -3.32 -11.55
CA THR A 35 -24.96 -4.23 -12.68
C THR A 35 -24.91 -3.40 -14.05
N THR A 36 -25.48 -1.90 -14.12
CA THR A 36 -25.37 -1.18 -15.42
C THR A 36 -24.07 -0.37 -15.49
N VAL A 37 -23.33 -0.20 -16.98
CA VAL A 37 -22.25 0.69 -17.28
C VAL A 37 -22.72 1.99 -17.61
N THR A 38 -22.40 2.93 -16.90
CA THR A 38 -22.87 4.25 -17.45
C THR A 38 -21.71 5.07 -17.84
N PRO A 39 -21.47 5.05 -19.21
CA PRO A 39 -20.38 6.03 -19.76
C PRO A 39 -20.82 7.66 -19.68
N ASP A 40 -19.97 8.58 -19.23
CA ASP A 40 -20.19 10.01 -19.39
C ASP A 40 -19.67 10.44 -20.76
N LYS A 41 -20.54 11.01 -21.59
CA LYS A 41 -20.12 11.17 -23.03
C LYS A 41 -19.26 12.44 -23.20
N ARG A 42 -19.11 13.31 -22.18
CA ARG A 42 -18.36 14.56 -22.33
C ARG A 42 -16.88 14.33 -22.66
N LYS A 43 -16.33 15.24 -23.47
CA LYS A 43 -14.92 15.27 -23.78
C LYS A 43 -14.14 15.75 -22.56
N GLY A 44 -13.18 14.93 -22.12
CA GLY A 44 -12.45 15.19 -20.89
C GLY A 44 -10.93 15.05 -21.04
N LEU A 45 -10.22 15.55 -20.02
CA LEU A 45 -8.78 15.43 -19.94
C LEU A 45 -8.39 14.97 -18.55
N VAL A 46 -7.71 13.82 -18.48
CA VAL A 46 -7.03 13.39 -17.28
C VAL A 46 -5.66 14.06 -17.29
N TYR A 47 -5.27 14.62 -16.13
CA TYR A 47 -3.92 15.16 -15.99
C TYR A 47 -3.42 15.08 -14.56
N ILE A 48 -2.08 15.11 -14.43
CA ILE A 48 -1.41 15.18 -13.15
C ILE A 48 -0.69 16.52 -13.06
N GLN A 49 -0.86 17.19 -11.93
CA GLN A 49 -0.29 18.51 -11.70
C GLN A 49 0.42 18.52 -10.35
N GLN A 50 1.65 19.05 -10.32
CA GLN A 50 2.37 19.25 -9.08
C GLN A 50 2.32 20.74 -8.71
N THR A 51 1.66 21.03 -7.59
CA THR A 51 1.52 22.41 -7.10
C THR A 51 2.78 22.84 -6.35
N ASP A 52 2.85 24.13 -6.02
CA ASP A 52 4.05 24.73 -5.44
C ASP A 52 4.41 24.21 -4.06
N ASP A 53 3.43 23.62 -3.37
CA ASP A 53 3.68 22.90 -2.12
C ASP A 53 4.25 21.50 -2.35
N SER A 54 4.43 21.14 -3.63
CA SER A 54 5.04 19.89 -4.07
C SER A 54 4.09 18.70 -4.08
N LEU A 55 2.82 18.94 -3.73
CA LEU A 55 1.82 17.88 -3.71
C LEU A 55 1.42 17.48 -5.13
N ILE A 56 1.10 16.20 -5.31
CA ILE A 56 0.68 15.67 -6.59
C ILE A 56 -0.84 15.61 -6.66
N HIS A 57 -1.41 16.16 -7.73
CA HIS A 57 -2.85 16.22 -7.94
C HIS A 57 -3.22 15.41 -9.19
N PHE A 58 -4.05 14.39 -9.01
CA PHE A 58 -4.70 13.69 -10.10
C PHE A 58 -6.02 14.40 -10.38
N CYS A 59 -6.21 14.85 -11.63
CA CYS A 59 -7.33 15.69 -11.99
C CYS A 59 -8.06 15.18 -13.23
N TRP A 60 -9.35 15.51 -13.31
CA TRP A 60 -10.11 15.38 -14.54
C TRP A 60 -10.83 16.71 -14.79
N LYS A 61 -10.77 17.19 -16.03
CA LYS A 61 -11.48 18.40 -16.41
C LYS A 61 -12.28 18.18 -17.69
N ASP A 62 -13.40 18.91 -17.79
CA ASP A 62 -14.20 18.98 -19.01
C ASP A 62 -13.44 19.87 -20.00
N ARG A 63 -13.14 19.33 -21.17
CA ARG A 63 -12.34 20.08 -22.17
C ARG A 63 -13.17 21.21 -22.78
N THR A 64 -14.50 21.04 -22.86
CA THR A 64 -15.37 22.05 -23.45
C THR A 64 -15.47 23.29 -22.55
N SER A 65 -15.82 23.07 -21.28
CA SER A 65 -16.00 24.15 -20.33
C SER A 65 -14.69 24.60 -19.69
N GLY A 66 -13.78 23.64 -19.46
CA GLY A 66 -12.54 23.90 -18.75
C GLY A 66 -12.66 23.67 -17.23
N ASN A 67 -13.85 23.27 -16.77
CA ASN A 67 -14.09 23.08 -15.35
C ASN A 67 -13.46 21.79 -14.83
N VAL A 68 -12.72 21.91 -13.72
CA VAL A 68 -12.09 20.78 -13.06
C VAL A 68 -13.09 20.12 -12.12
N GLU A 69 -13.48 18.88 -12.45
CA GLU A 69 -14.45 18.14 -11.66
C GLU A 69 -13.81 17.26 -10.60
N ASP A 70 -12.69 16.61 -10.96
CA ASP A 70 -11.95 15.77 -10.02
C ASP A 70 -10.59 16.39 -9.75
N ASP A 71 -10.20 16.40 -8.47
CA ASP A 71 -8.89 16.87 -8.05
C ASP A 71 -8.53 16.16 -6.75
N LEU A 72 -7.66 15.15 -6.87
CA LEU A 72 -7.31 14.27 -5.77
C LEU A 72 -5.84 14.42 -5.44
N ILE A 73 -5.54 14.64 -4.16
CA ILE A 73 -4.16 14.76 -3.71
C ILE A 73 -3.65 13.36 -3.39
N ILE A 74 -2.68 12.89 -4.19
CA ILE A 74 -2.23 11.50 -4.16
C ILE A 74 -0.78 11.41 -3.69
N PHE A 75 -0.52 10.44 -2.81
CA PHE A 75 0.83 10.15 -2.33
C PHE A 75 1.26 8.76 -2.80
N PRO A 76 2.56 8.41 -2.73
CA PRO A 76 3.00 7.06 -3.03
C PRO A 76 2.28 6.00 -2.19
N ASP A 77 1.90 4.90 -2.85
CA ASP A 77 1.24 3.76 -2.23
C ASP A 77 -0.26 3.95 -1.99
N ASP A 78 -0.81 5.11 -2.38
CA ASP A 78 -2.24 5.35 -2.32
C ASP A 78 -2.97 4.61 -3.45
N CYS A 79 -2.42 4.71 -4.67
CA CYS A 79 -3.17 4.42 -5.88
C CYS A 79 -2.44 3.48 -6.84
N GLU A 80 -3.24 2.77 -7.64
CA GLU A 80 -2.77 2.10 -8.83
C GLU A 80 -3.69 2.54 -9.98
N PHE A 81 -3.07 2.87 -11.12
CA PHE A 81 -3.80 3.15 -12.35
C PHE A 81 -3.58 1.97 -13.29
N LYS A 82 -4.67 1.32 -13.72
CA LYS A 82 -4.56 0.12 -14.53
C LYS A 82 -5.72 -0.04 -15.49
N ARG A 83 -5.49 -0.82 -16.56
CA ARG A 83 -6.52 -1.15 -17.52
C ARG A 83 -7.53 -2.11 -16.86
N VAL A 84 -8.82 -1.92 -17.19
CA VAL A 84 -9.86 -2.83 -16.75
C VAL A 84 -10.01 -3.90 -17.84
N PRO A 85 -9.54 -5.14 -17.62
CA PRO A 85 -9.55 -6.17 -18.68
C PRO A 85 -10.94 -6.67 -19.07
N GLN A 86 -11.91 -6.55 -18.17
CA GLN A 86 -13.27 -7.08 -18.45
C GLN A 86 -13.92 -6.27 -19.57
N CYS A 87 -13.61 -4.97 -19.66
CA CYS A 87 -14.20 -4.12 -20.67
C CYS A 87 -13.72 -4.53 -22.06
N PRO A 88 -14.61 -4.94 -22.99
CA PRO A 88 -14.18 -5.35 -24.34
C PRO A 88 -13.54 -4.20 -25.11
N SER A 89 -13.94 -2.97 -24.78
CA SER A 89 -13.36 -1.76 -25.44
C SER A 89 -11.83 -1.84 -25.45
N GLY A 90 -11.25 -2.17 -24.31
CA GLY A 90 -9.80 -2.22 -24.21
C GLY A 90 -9.18 -0.88 -23.82
N ARG A 91 -10.02 0.15 -23.66
CA ARG A 91 -9.57 1.49 -23.35
C ARG A 91 -10.18 2.03 -22.05
N VAL A 92 -10.72 1.14 -21.21
CA VAL A 92 -11.22 1.51 -19.90
C VAL A 92 -10.11 1.34 -18.88
N TYR A 93 -9.86 2.39 -18.09
CA TYR A 93 -8.86 2.38 -17.03
C TYR A 93 -9.49 2.79 -15.71
N VAL A 94 -8.90 2.32 -14.61
CA VAL A 94 -9.40 2.61 -13.28
C VAL A 94 -8.28 3.21 -12.44
N LEU A 95 -8.60 4.29 -11.71
CA LEU A 95 -7.77 4.77 -10.62
C LEU A 95 -8.27 4.09 -9.35
N LYS A 96 -7.46 3.16 -8.83
CA LYS A 96 -7.83 2.31 -7.72
C LYS A 96 -7.07 2.75 -6.46
N PHE A 97 -7.81 3.06 -5.39
CA PHE A 97 -7.22 3.30 -4.09
C PHE A 97 -7.03 1.94 -3.41
N LYS A 98 -5.77 1.61 -3.10
CA LYS A 98 -5.42 0.30 -2.58
C LYS A 98 -6.04 -0.01 -1.22
N ALA A 99 -6.20 1.03 -0.38
CA ALA A 99 -6.72 0.86 0.97
C ALA A 99 -8.23 0.59 0.95
N GLY A 100 -9.00 1.56 0.46
CA GLY A 100 -10.46 1.48 0.50
C GLY A 100 -11.05 0.80 -0.72
N SER A 101 -12.30 1.15 -1.04
CA SER A 101 -12.96 0.68 -2.25
C SER A 101 -13.29 1.83 -3.19
N LYS A 102 -12.54 2.94 -3.07
CA LYS A 102 -12.72 4.09 -3.96
C LYS A 102 -12.14 3.76 -5.33
N ARG A 103 -12.98 3.90 -6.36
CA ARG A 103 -12.62 3.57 -7.74
C ARG A 103 -13.14 4.66 -8.66
N LEU A 104 -12.24 5.22 -9.49
CA LEU A 104 -12.62 6.17 -10.52
C LEU A 104 -12.29 5.57 -11.89
N PHE A 105 -13.32 5.42 -12.73
CA PHE A 105 -13.19 4.80 -14.04
C PHE A 105 -13.14 5.83 -15.16
N PHE A 106 -12.29 5.56 -16.16
CA PHE A 106 -12.11 6.44 -17.31
C PHE A 106 -12.03 5.65 -18.60
N TRP A 107 -12.54 6.24 -19.69
CA TRP A 107 -12.39 5.67 -21.02
C TRP A 107 -11.58 6.61 -21.90
N MET A 108 -10.55 6.05 -22.54
CA MET A 108 -9.59 6.85 -23.31
C MET A 108 -10.29 7.47 -24.52
N GLN A 109 -9.98 8.75 -24.78
CA GLN A 109 -10.54 9.49 -25.90
C GLN A 109 -9.47 9.95 -26.90
N GLU A 110 -8.21 9.60 -26.64
CA GLU A 110 -7.13 9.89 -27.57
C GLU A 110 -7.44 9.25 -28.92
N PRO A 111 -7.34 10.00 -30.05
CA PRO A 111 -7.63 9.44 -31.37
C PRO A 111 -6.84 8.18 -31.70
N LYS A 112 -5.57 8.15 -31.28
CA LYS A 112 -4.71 6.97 -31.43
C LYS A 112 -4.64 6.18 -30.13
N THR A 113 -4.30 4.89 -30.26
CA THR A 113 -4.24 3.95 -29.14
C THR A 113 -2.83 3.56 -28.72
N ASP A 114 -1.83 3.94 -29.51
CA ASP A 114 -0.46 3.45 -29.32
C ASP A 114 0.21 3.95 -28.05
N GLN A 115 -0.32 5.00 -27.45
CA GLN A 115 0.23 5.55 -26.21
C GLN A 115 -0.61 5.26 -24.96
N ASP A 116 -1.68 4.47 -25.09
CA ASP A 116 -2.52 4.16 -23.95
C ASP A 116 -1.74 3.52 -22.80
N GLU A 117 -0.91 2.53 -23.12
CA GLU A 117 -0.14 1.81 -22.13
C GLU A 117 0.94 2.71 -21.51
N GLU A 118 1.54 3.57 -22.35
CA GLU A 118 2.51 4.56 -21.91
C GLU A 118 1.89 5.61 -20.98
N HIS A 119 0.70 6.09 -21.33
CA HIS A 119 -0.01 7.05 -20.50
C HIS A 119 -0.31 6.44 -19.14
N CYS A 120 -0.69 5.16 -19.13
CA CYS A 120 -0.95 4.43 -17.89
C CYS A 120 0.30 4.32 -17.01
N ARG A 121 1.45 3.98 -17.62
CA ARG A 121 2.70 3.93 -16.90
C ARG A 121 3.09 5.29 -16.30
N LYS A 122 2.89 6.36 -17.08
CA LYS A 122 3.25 7.69 -16.65
C LYS A 122 2.42 8.17 -15.46
N VAL A 123 1.12 7.85 -15.48
CA VAL A 123 0.26 8.14 -14.34
C VAL A 123 0.84 7.49 -13.08
N ASN A 124 1.08 6.17 -13.15
CA ASN A 124 1.64 5.44 -12.03
C ASN A 124 2.99 6.01 -11.58
N GLU A 125 3.83 6.41 -12.53
CA GLU A 125 5.14 6.97 -12.20
C GLU A 125 5.00 8.22 -11.34
N TYR A 126 4.16 9.17 -11.79
CA TYR A 126 4.04 10.46 -11.13
C TYR A 126 3.21 10.42 -9.85
N LEU A 127 2.31 9.42 -9.73
CA LEU A 127 1.57 9.21 -8.50
C LEU A 127 2.42 8.52 -7.44
N ASN A 128 3.19 7.49 -7.85
CA ASN A 128 3.87 6.62 -6.90
C ASN A 128 5.35 6.92 -6.70
N ASN A 129 5.96 7.61 -7.67
CA ASN A 129 7.36 8.01 -7.54
C ASN A 129 7.64 9.24 -8.40
N PRO A 130 7.09 10.42 -8.05
CA PRO A 130 7.29 11.62 -8.85
C PRO A 130 8.76 12.04 -8.80
N PRO A 131 9.41 12.29 -9.97
CA PRO A 131 10.82 12.69 -9.99
C PRO A 131 11.05 14.06 -9.36
N MET A 132 12.34 14.36 -9.09
CA MET A 132 12.80 15.57 -8.41
C MET A 132 12.21 15.64 -6.98
N LYS B 20 15.88 -9.69 21.91
CA LYS B 20 14.56 -10.11 22.36
C LYS B 20 13.51 -9.82 21.29
N TYR B 21 12.30 -10.34 21.50
CA TYR B 21 11.17 -10.13 20.61
C TYR B 21 10.48 -8.81 20.93
N LEU B 22 10.14 -8.04 19.89
CA LEU B 22 9.41 -6.79 20.04
C LEU B 22 7.94 -7.06 20.33
N VAL B 23 7.40 -8.14 19.75
CA VAL B 23 6.06 -8.59 20.07
C VAL B 23 6.03 -10.11 19.89
N GLU B 24 5.23 -10.78 20.72
CA GLU B 24 5.12 -12.22 20.68
C GLU B 24 3.80 -12.68 21.28
N PHE B 25 3.25 -13.77 20.72
CA PHE B 25 2.06 -14.37 21.27
C PHE B 25 1.88 -15.78 20.71
N ARG B 26 1.24 -16.65 21.50
CA ARG B 26 0.99 -18.01 21.10
C ARG B 26 -0.08 -18.05 20.02
N ALA B 27 0.22 -18.76 18.93
CA ALA B 27 -0.73 -18.97 17.86
C ALA B 27 -0.29 -20.16 17.01
N GLY B 28 -1.27 -20.93 16.50
CA GLY B 28 -1.01 -21.98 15.53
C GLY B 28 -1.18 -21.48 14.10
N LYS B 29 -0.77 -22.32 13.13
CA LYS B 29 -0.99 -21.97 11.58
C LYS B 29 -2.15 -22.69 11.08
N MET B 30 -2.67 -22.29 9.91
CA MET B 30 -3.79 -23.01 9.37
C MET B 30 -3.89 -22.69 7.87
N SER B 31 -4.51 -23.54 7.01
CA SER B 31 -4.69 -23.56 5.47
C SER B 31 -6.04 -23.68 5.36
N LEU B 32 -6.69 -22.80 4.36
CA LEU B 32 -7.89 -23.09 3.49
C LEU B 32 -7.47 -24.03 2.36
N LYS B 33 -7.72 -25.29 2.44
CA LYS B 33 -7.43 -25.99 1.16
C LYS B 33 -8.61 -25.64 0.24
N GLY B 34 -8.76 -24.36 -0.24
CA GLY B 34 -10.01 -24.32 -1.02
C GLY B 34 -11.22 -24.28 -0.11
N THR B 35 -12.18 -25.17 -0.33
CA THR B 35 -13.42 -25.18 0.49
C THR B 35 -13.13 -25.67 1.90
N THR B 36 -12.28 -26.70 2.05
CA THR B 36 -12.04 -27.26 3.37
C THR B 36 -11.03 -26.44 4.16
N VAL B 37 -11.10 -26.53 5.66
CA VAL B 37 -10.40 -25.62 6.61
C VAL B 37 -9.52 -26.57 7.32
N THR B 38 -8.13 -26.48 7.10
CA THR B 38 -7.21 -27.35 7.79
C THR B 38 -6.38 -26.63 8.76
N PRO B 39 -6.76 -26.60 10.10
CA PRO B 39 -5.84 -26.09 11.14
C PRO B 39 -4.58 -27.02 11.42
N ASP B 40 -3.41 -26.40 11.61
CA ASP B 40 -2.22 -27.09 12.06
C ASP B 40 -2.26 -27.16 13.59
N LYS B 41 -2.18 -28.39 14.14
CA LYS B 41 -2.40 -28.64 15.56
C LYS B 41 -1.28 -28.15 16.46
N ARG B 42 -0.08 -27.96 15.89
CA ARG B 42 1.12 -27.71 16.68
C ARG B 42 1.06 -26.40 17.46
N LYS B 43 1.65 -26.43 18.66
CA LYS B 43 1.83 -25.24 19.49
C LYS B 43 2.87 -24.33 18.85
N GLY B 44 2.48 -23.08 18.60
CA GLY B 44 3.33 -22.13 17.90
C GLY B 44 3.41 -20.77 18.57
N LEU B 45 4.38 -19.97 18.11
CA LEU B 45 4.57 -18.61 18.58
C LEU B 45 4.77 -17.70 17.38
N VAL B 46 3.88 -16.70 17.24
CA VAL B 46 4.09 -15.59 16.33
C VAL B 46 4.95 -14.58 17.07
N TYR B 47 5.98 -14.06 16.38
CA TYR B 47 6.77 -12.97 16.94
C TYR B 47 7.35 -12.06 15.87
N ILE B 48 7.66 -10.82 16.29
CA ILE B 48 8.34 -9.86 15.44
C ILE B 48 9.72 -9.59 16.05
N GLN B 49 10.74 -9.63 15.18
CA GLN B 49 12.11 -9.45 15.60
C GLN B 49 12.79 -8.42 14.68
N GLN B 50 13.50 -7.47 15.29
CA GLN B 50 14.29 -6.50 14.54
C GLN B 50 15.76 -6.89 14.63
N THR B 51 16.35 -7.24 13.47
CA THR B 51 17.75 -7.63 13.39
C THR B 51 18.65 -6.38 13.35
N ASP B 52 19.96 -6.59 13.46
CA ASP B 52 20.92 -5.51 13.61
C ASP B 52 21.04 -4.60 12.39
N ASP B 53 20.61 -5.11 11.22
CA ASP B 53 20.48 -4.30 10.02
C ASP B 53 19.21 -3.44 10.03
N SER B 54 18.43 -3.55 11.11
CA SER B 54 17.23 -2.75 11.36
C SER B 54 15.98 -3.28 10.66
N LEU B 55 16.11 -4.39 9.93
CA LEU B 55 14.99 -4.97 9.21
C LEU B 55 14.03 -5.65 10.19
N ILE B 56 12.74 -5.61 9.85
CA ILE B 56 11.69 -6.19 10.67
C ILE B 56 11.33 -7.56 10.12
N HIS B 57 11.32 -8.57 11.00
CA HIS B 57 11.02 -9.95 10.64
C HIS B 57 9.75 -10.40 11.35
N PHE B 58 8.74 -10.77 10.56
CA PHE B 58 7.56 -11.47 11.06
C PHE B 58 7.87 -12.97 11.00
N CYS B 59 7.75 -13.64 12.16
CA CYS B 59 8.18 -15.02 12.28
C CYS B 59 7.09 -15.88 12.93
N TRP B 60 7.13 -17.18 12.59
CA TRP B 60 6.40 -18.19 13.34
C TRP B 60 7.36 -19.33 13.67
N LYS B 61 7.33 -19.80 14.91
CA LYS B 61 8.15 -20.92 15.32
C LYS B 61 7.30 -21.97 16.06
N ASP B 62 7.71 -23.22 15.92
CA ASP B 62 7.16 -24.33 16.68
C ASP B 62 7.71 -24.23 18.10
N ARG B 63 6.82 -24.14 19.10
CA ARG B 63 7.21 -23.98 20.48
C ARG B 63 7.83 -25.25 21.07
N THR B 64 7.46 -26.41 20.52
CA THR B 64 7.98 -27.68 20.99
C THR B 64 9.43 -27.89 20.53
N SER B 65 9.66 -27.76 19.22
CA SER B 65 10.97 -27.98 18.64
C SER B 65 11.87 -26.75 18.74
N GLY B 66 11.26 -25.56 18.62
CA GLY B 66 11.99 -24.31 18.56
C GLY B 66 12.36 -23.87 17.14
N ASN B 67 11.96 -24.68 16.14
CA ASN B 67 12.31 -24.41 14.75
C ASN B 67 11.45 -23.28 14.18
N VAL B 68 12.13 -22.33 13.53
CA VAL B 68 11.49 -21.21 12.87
C VAL B 68 11.08 -21.61 11.47
N GLU B 69 9.76 -21.67 11.23
CA GLU B 69 9.21 -22.13 9.96
C GLU B 69 8.92 -20.95 9.02
N ASP B 70 8.41 -19.85 9.57
CA ASP B 70 8.16 -18.65 8.79
C ASP B 70 9.07 -17.52 9.27
N ASP B 71 9.66 -16.79 8.30
CA ASP B 71 10.48 -15.64 8.59
C ASP B 71 10.41 -14.69 7.39
N LEU B 72 9.60 -13.65 7.53
CA LEU B 72 9.29 -12.73 6.44
C LEU B 72 9.84 -11.34 6.77
N ILE B 73 10.59 -10.76 5.84
CA ILE B 73 11.12 -9.42 6.00
C ILE B 73 10.06 -8.42 5.50
N ILE B 74 9.51 -7.64 6.43
CA ILE B 74 8.35 -6.80 6.16
C ILE B 74 8.71 -5.32 6.30
N PHE B 75 8.22 -4.52 5.33
CA PHE B 75 8.40 -3.08 5.34
C PHE B 75 7.04 -2.40 5.51
N PRO B 76 6.99 -1.09 5.85
CA PRO B 76 5.73 -0.36 5.87
C PRO B 76 4.97 -0.45 4.54
N ASP B 77 3.64 -0.63 4.64
CA ASP B 77 2.74 -0.70 3.50
C ASP B 77 2.72 -2.06 2.78
N ASP B 78 3.53 -3.02 3.26
CA ASP B 78 3.50 -4.37 2.74
C ASP B 78 2.26 -5.14 3.20
N CYS B 79 1.97 -5.03 4.51
CA CYS B 79 1.11 -5.99 5.21
C CYS B 79 0.03 -5.33 6.04
N GLU B 80 -1.07 -6.09 6.22
CA GLU B 80 -2.07 -5.81 7.22
C GLU B 80 -2.28 -7.10 8.01
N PHE B 81 -2.32 -6.98 9.34
CA PHE B 81 -2.67 -8.09 10.21
C PHE B 81 -4.06 -7.81 10.77
N LYS B 82 -5.01 -8.73 10.53
CA LYS B 82 -6.38 -8.48 10.92
C LYS B 82 -7.13 -9.78 11.25
N ARG B 83 -8.19 -9.63 12.04
CA ARG B 83 -9.06 -10.75 12.38
C ARG B 83 -9.85 -11.16 11.15
N VAL B 84 -10.05 -12.48 10.99
CA VAL B 84 -10.89 -13.02 9.93
C VAL B 84 -12.30 -13.16 10.50
N PRO B 85 -13.26 -12.27 10.12
CA PRO B 85 -14.60 -12.29 10.71
C PRO B 85 -15.45 -13.52 10.38
N GLN B 86 -15.17 -14.17 9.25
CA GLN B 86 -15.95 -15.15 8.70
C GLN B 86 -15.80 -16.51 9.72
N CYS B 87 -14.63 -16.63 10.37
CA CYS B 87 -14.36 -17.73 11.28
C CYS B 87 -15.16 -17.57 12.56
N PRO B 88 -15.82 -18.87 12.63
CA PRO B 88 -16.63 -18.89 13.86
C PRO B 88 -15.82 -18.76 15.22
N SER B 89 -14.85 -19.09 15.33
CA SER B 89 -13.92 -19.11 16.49
C SER B 89 -13.74 -17.69 17.04
N GLY B 90 -13.46 -16.72 16.17
CA GLY B 90 -13.21 -15.36 16.62
C GLY B 90 -11.74 -15.09 16.93
N ARG B 91 -10.90 -16.12 16.77
CA ARG B 91 -9.48 -16.02 17.09
C ARG B 91 -8.60 -16.36 15.88
N VAL B 92 -9.18 -16.34 14.68
CA VAL B 92 -8.43 -16.52 13.44
C VAL B 92 -7.99 -15.16 12.93
N TYR B 93 -6.68 -15.02 12.65
CA TYR B 93 -6.09 -13.81 12.12
C TYR B 93 -5.34 -14.11 10.83
N VAL B 94 -5.22 -13.11 9.96
CA VAL B 94 -4.51 -13.27 8.58
C VAL B 94 -3.43 -12.19 8.50
N LEU B 95 -2.25 -12.60 8.14
CA LEU B 95 -1.24 -11.67 7.65
C LEU B 95 -1.45 -11.54 6.14
N LYS B 96 -1.95 -10.36 5.73
CA LYS B 96 -2.34 -10.11 4.36
C LYS B 96 -1.32 -9.18 3.69
N PHE B 97 -0.76 -9.63 2.56
CA PHE B 97 0.06 -8.77 1.74
C PHE B 97 -0.87 -7.99 0.80
N LYS B 98 -0.83 -6.65 0.93
CA LYS B 98 -1.75 -5.78 0.23
C LYS B 98 -1.62 -5.85 -1.30
N ALA B 99 -0.39 -6.05 -1.78
CA ALA B 99 -0.13 -6.07 -3.22
C ALA B 99 -0.64 -7.35 -3.88
N GLY B 100 -0.09 -8.49 -3.47
CA GLY B 100 -0.40 -9.78 -4.08
C GLY B 100 -1.61 -10.47 -3.43
N SER B 101 -1.63 -11.80 -3.54
CA SER B 101 -2.64 -12.61 -2.87
C SER B 101 -2.02 -13.55 -1.84
N LYS B 102 -0.85 -13.13 -1.32
CA LYS B 102 -0.15 -13.90 -0.28
C LYS B 102 -0.88 -13.74 1.05
N ARG B 103 -1.29 -14.85 1.66
CA ARG B 103 -2.05 -14.83 2.89
C ARG B 103 -1.52 -15.91 3.84
N LEU B 104 -1.20 -15.52 5.08
CA LEU B 104 -0.82 -16.47 6.12
C LEU B 104 -1.84 -16.39 7.24
N PHE B 105 -2.49 -17.52 7.55
CA PHE B 105 -3.53 -17.58 8.54
C PHE B 105 -3.03 -18.18 9.85
N PHE B 106 -3.52 -17.64 10.97
CA PHE B 106 -3.13 -18.07 12.30
C PHE B 106 -4.34 -18.14 13.22
N TRP B 107 -4.31 -19.10 14.16
CA TRP B 107 -5.33 -19.18 15.21
C TRP B 107 -4.66 -18.98 16.57
N MET B 108 -5.22 -18.07 17.36
CA MET B 108 -4.63 -17.68 18.64
C MET B 108 -4.67 -18.86 19.60
N GLN B 109 -3.57 -19.05 20.34
CA GLN B 109 -3.43 -20.12 21.32
C GLN B 109 -3.20 -19.59 22.73
N GLU B 110 -3.19 -18.27 22.90
CA GLU B 110 -3.10 -17.66 24.21
C GLU B 110 -4.25 -18.14 25.07
N PRO B 111 -4.00 -18.62 26.32
CA PRO B 111 -5.08 -19.09 27.19
C PRO B 111 -6.20 -18.08 27.40
N LYS B 112 -5.84 -16.80 27.53
CA LYS B 112 -6.79 -15.71 27.64
C LYS B 112 -6.99 -15.01 26.31
N THR B 113 -8.14 -14.34 26.16
CA THR B 113 -8.53 -13.66 24.94
C THR B 113 -8.47 -12.14 25.00
N ASP B 114 -8.24 -11.58 26.21
CA ASP B 114 -8.37 -10.15 26.42
C ASP B 114 -7.29 -9.31 25.73
N GLN B 115 -6.20 -9.95 25.29
CA GLN B 115 -5.13 -9.26 24.60
C GLN B 115 -5.06 -9.54 23.09
N ASP B 116 -6.03 -10.30 22.55
CA ASP B 116 -6.03 -10.64 21.14
C ASP B 116 -6.01 -9.39 20.25
N GLU B 117 -6.88 -8.43 20.55
CA GLU B 117 -6.99 -7.20 19.77
C GLU B 117 -5.74 -6.33 19.93
N GLU B 118 -5.17 -6.30 21.15
CA GLU B 118 -3.93 -5.61 21.43
C GLU B 118 -2.74 -6.23 20.70
N HIS B 119 -2.67 -7.56 20.67
CA HIS B 119 -1.61 -8.25 19.96
C HIS B 119 -1.69 -7.93 18.47
N CYS B 120 -2.91 -7.87 17.94
CA CYS B 120 -3.14 -7.53 16.55
C CYS B 120 -2.67 -6.10 16.22
N ARG B 121 -3.00 -5.14 17.09
CA ARG B 121 -2.52 -3.77 16.94
C ARG B 121 -1.00 -3.67 16.96
N LYS B 122 -0.36 -4.43 17.88
CA LYS B 122 1.08 -4.38 18.05
C LYS B 122 1.81 -4.93 16.83
N VAL B 123 1.27 -6.01 16.23
CA VAL B 123 1.81 -6.54 15.00
C VAL B 123 1.82 -5.44 13.94
N ASN B 124 0.65 -4.84 13.69
CA ASN B 124 0.53 -3.77 12.72
C ASN B 124 1.45 -2.60 13.01
N GLU B 125 1.61 -2.24 14.29
CA GLU B 125 2.47 -1.14 14.66
C GLU B 125 3.91 -1.40 14.22
N TYR B 126 4.44 -2.57 14.57
CA TYR B 126 5.85 -2.88 14.33
C TYR B 126 6.15 -3.24 12.88
N LEU B 127 5.14 -3.71 12.14
CA LEU B 127 5.28 -3.96 10.72
C LEU B 127 5.21 -2.66 9.90
N ASN B 128 4.26 -1.78 10.25
CA ASN B 128 3.96 -0.61 9.44
C ASN B 128 4.59 0.69 9.93
N ASN B 129 4.96 0.75 11.21
CA ASN B 129 5.63 1.92 11.74
C ASN B 129 6.44 1.56 12.98
N PRO B 130 7.55 0.79 12.82
CA PRO B 130 8.36 0.38 13.96
C PRO B 130 9.01 1.58 14.63
N PRO B 131 8.89 1.76 15.97
CA PRO B 131 9.46 2.92 16.65
C PRO B 131 10.99 2.91 16.64
N MET B 132 11.57 4.07 16.97
CA MET B 132 13.00 4.31 17.07
C MET B 132 13.71 4.06 15.72
N MET C 1 -9.19 2.27 18.00
CA MET C 1 -8.50 1.70 16.85
C MET C 1 -7.20 2.46 16.58
N GLN C 2 -6.30 1.82 15.83
CA GLN C 2 -5.01 2.37 15.51
C GLN C 2 -5.00 2.89 14.07
N ILE C 3 -4.43 4.09 13.88
CA ILE C 3 -4.19 4.64 12.57
C ILE C 3 -2.76 5.17 12.51
N PHE C 4 -2.25 5.33 11.28
CA PHE C 4 -0.91 5.86 11.07
C PHE C 4 -1.03 7.21 10.36
N VAL C 5 -0.16 8.16 10.73
CA VAL C 5 -0.15 9.48 10.12
C VAL C 5 1.23 9.76 9.53
N LYS C 6 1.32 9.74 8.19
CA LYS C 6 2.55 10.01 7.47
C LYS C 6 2.72 11.50 7.22
N THR C 7 3.98 11.97 7.24
CA THR C 7 4.29 13.36 7.01
C THR C 7 5.19 13.52 5.77
N LEU C 8 5.38 14.76 5.33
CA LEU C 8 6.37 15.11 4.33
C LEU C 8 7.76 14.60 4.74
N THR C 9 8.24 15.06 5.90
CA THR C 9 9.54 14.67 6.42
C THR C 9 9.72 13.15 6.45
N GLY C 10 8.61 12.41 6.55
CA GLY C 10 8.62 10.98 6.36
C GLY C 10 8.52 10.16 7.65
N LYS C 11 8.63 10.84 8.80
CA LYS C 11 8.46 10.20 10.08
C LYS C 11 6.96 9.97 10.31
N THR C 12 6.58 8.70 10.52
CA THR C 12 5.19 8.31 10.63
C THR C 12 4.79 8.24 12.11
N ILE C 13 3.55 8.65 12.39
CA ILE C 13 3.00 8.71 13.73
C ILE C 13 1.98 7.60 13.92
N THR C 14 2.08 6.86 15.04
CA THR C 14 1.05 5.92 15.43
C THR C 14 0.10 6.61 16.40
N LEU C 15 -1.20 6.61 16.06
CA LEU C 15 -2.24 7.19 16.92
C LEU C 15 -3.29 6.15 17.29
N GLU C 16 -3.79 6.22 18.53
CA GLU C 16 -4.95 5.47 18.95
C GLU C 16 -6.15 6.41 18.96
N VAL C 17 -7.22 6.01 18.27
CA VAL C 17 -8.38 6.86 18.07
C VAL C 17 -9.66 6.03 18.19
N GLU C 18 -10.81 6.67 18.00
CA GLU C 18 -12.10 6.00 17.92
C GLU C 18 -12.79 6.35 16.61
N PRO C 19 -13.64 5.45 16.04
CA PRO C 19 -14.36 5.77 14.81
C PRO C 19 -15.16 7.07 14.85
N SER C 20 -15.73 7.39 16.02
CA SER C 20 -16.54 8.58 16.20
C SER C 20 -15.74 9.87 16.43
N ASP C 21 -14.42 9.76 16.58
CA ASP C 21 -13.56 10.94 16.69
C ASP C 21 -13.68 11.82 15.45
N THR C 22 -13.91 13.12 15.69
CA THR C 22 -13.92 14.09 14.62
C THR C 22 -12.49 14.32 14.15
N ILE C 23 -12.35 14.89 12.95
CA ILE C 23 -11.05 15.26 12.42
C ILE C 23 -10.36 16.28 13.33
N GLU C 24 -11.16 17.18 13.92
CA GLU C 24 -10.65 18.14 14.87
C GLU C 24 -10.06 17.45 16.10
N ASN C 25 -10.74 16.41 16.59
CA ASN C 25 -10.23 15.59 17.68
C ASN C 25 -8.87 14.97 17.33
N VAL C 26 -8.75 14.45 16.11
CA VAL C 26 -7.54 13.78 15.67
C VAL C 26 -6.37 14.77 15.60
N LYS C 27 -6.63 15.98 15.08
CA LYS C 27 -5.62 17.02 15.07
C LYS C 27 -5.18 17.39 16.48
N ALA C 28 -6.14 17.39 17.43
CA ALA C 28 -5.82 17.65 18.82
C ALA C 28 -4.92 16.56 19.40
N LYS C 29 -5.15 15.31 19.00
CA LYS C 29 -4.30 14.21 19.43
C LYS C 29 -2.90 14.33 18.84
N ILE C 30 -2.82 14.84 17.60
CA ILE C 30 -1.54 15.07 16.95
C ILE C 30 -0.78 16.20 17.66
N GLN C 31 -1.51 17.22 18.12
CA GLN C 31 -0.89 18.31 18.88
C GLN C 31 -0.34 17.76 20.21
N ASP C 32 -1.13 16.91 20.88
CA ASP C 32 -0.73 16.32 22.13
C ASP C 32 0.56 15.51 21.98
N LYS C 33 0.63 14.72 20.90
CA LYS C 33 1.75 13.83 20.66
C LYS C 33 2.97 14.55 20.10
N GLU C 34 2.76 15.37 19.06
CA GLU C 34 3.85 15.97 18.30
C GLU C 34 4.07 17.47 18.51
N GLY C 35 3.10 18.14 19.14
CA GLY C 35 3.21 19.57 19.42
C GLY C 35 2.90 20.46 18.22
N ILE C 36 2.25 19.90 17.20
CA ILE C 36 1.87 20.64 16.00
C ILE C 36 0.49 21.25 16.20
N PRO C 37 0.33 22.59 16.12
CA PRO C 37 -0.98 23.21 16.34
C PRO C 37 -2.00 22.80 15.26
N PRO C 38 -3.25 22.45 15.65
CA PRO C 38 -4.27 22.01 14.69
C PRO C 38 -4.45 22.89 13.46
N ASP C 39 -4.36 24.22 13.63
CA ASP C 39 -4.60 25.14 12.54
C ASP C 39 -3.50 25.15 11.48
N GLN C 40 -2.40 24.42 11.74
CA GLN C 40 -1.34 24.20 10.76
C GLN C 40 -1.43 22.84 10.07
N GLN C 41 -2.41 22.02 10.47
CA GLN C 41 -2.52 20.66 9.97
C GLN C 41 -3.54 20.51 8.85
N ARG C 42 -3.11 19.89 7.75
CA ARG C 42 -4.00 19.38 6.72
C ARG C 42 -3.94 17.85 6.74
N LEU C 43 -5.07 17.21 7.03
CA LEU C 43 -5.16 15.76 6.98
C LEU C 43 -5.81 15.33 5.67
N ILE C 44 -5.19 14.34 5.00
CA ILE C 44 -5.67 13.84 3.72
C ILE C 44 -5.82 12.32 3.78
N PHE C 45 -6.92 11.81 3.20
CA PHE C 45 -7.17 10.39 3.09
C PHE C 45 -7.89 10.10 1.78
N ALA C 46 -7.38 9.10 1.04
CA ALA C 46 -7.97 8.66 -0.21
C ALA C 46 -8.21 9.83 -1.18
N GLY C 47 -7.22 10.73 -1.27
CA GLY C 47 -7.25 11.83 -2.22
C GLY C 47 -7.90 13.13 -1.76
N LYS C 48 -8.60 13.11 -0.62
CA LYS C 48 -9.38 14.26 -0.18
C LYS C 48 -8.93 14.81 1.15
N GLN C 49 -8.91 16.15 1.27
CA GLN C 49 -8.65 16.84 2.51
C GLN C 49 -9.84 16.64 3.45
N LEU C 50 -9.56 16.29 4.70
CA LEU C 50 -10.60 15.92 5.66
C LEU C 50 -11.10 17.16 6.40
N GLU C 51 -12.44 17.23 6.58
CA GLU C 51 -13.08 18.36 7.21
C GLU C 51 -13.20 18.16 8.73
N ASP C 52 -12.95 19.22 9.49
CA ASP C 52 -12.88 19.18 10.94
C ASP C 52 -14.11 18.61 11.63
N GLY C 53 -15.30 18.97 11.13
CA GLY C 53 -16.56 18.56 11.74
C GLY C 53 -16.97 17.10 11.49
N ARG C 54 -16.32 16.46 10.51
CA ARG C 54 -16.64 15.09 10.15
C ARG C 54 -15.82 14.09 10.97
N THR C 55 -16.28 12.83 11.00
CA THR C 55 -15.61 11.78 11.75
C THR C 55 -14.75 10.89 10.86
N LEU C 56 -13.87 10.12 11.52
CA LEU C 56 -13.06 9.11 10.84
C LEU C 56 -13.95 8.12 10.10
N SER C 57 -15.05 7.70 10.75
CA SER C 57 -16.00 6.78 10.16
C SER C 57 -16.74 7.37 8.95
N ASP C 58 -17.03 8.68 8.99
CA ASP C 58 -17.61 9.37 7.84
C ASP C 58 -16.79 9.16 6.56
N TYR C 59 -15.46 9.12 6.71
CA TYR C 59 -14.55 8.91 5.60
C TYR C 59 -14.15 7.44 5.41
N ASN C 60 -14.84 6.53 6.12
CA ASN C 60 -14.53 5.11 6.14
C ASN C 60 -13.07 4.83 6.49
N ILE C 61 -12.53 5.62 7.43
CA ILE C 61 -11.20 5.37 7.97
C ILE C 61 -11.35 4.29 9.04
N GLN C 62 -10.57 3.21 8.89
CA GLN C 62 -10.75 2.01 9.67
C GLN C 62 -9.48 1.64 10.44
N LYS C 63 -9.54 0.52 11.17
CA LYS C 63 -8.40 -0.04 11.85
C LYS C 63 -7.19 -0.09 10.91
N GLU C 64 -6.09 0.54 11.35
CA GLU C 64 -4.80 0.46 10.69
C GLU C 64 -4.72 1.23 9.37
N SER C 65 -5.68 2.13 9.12
CA SER C 65 -5.62 3.03 7.98
C SER C 65 -4.47 4.03 8.14
N THR C 66 -4.02 4.58 7.01
CA THR C 66 -2.98 5.60 7.00
C THR C 66 -3.53 6.93 6.48
N LEU C 67 -3.32 7.99 7.25
CA LEU C 67 -3.63 9.35 6.84
C LEU C 67 -2.33 10.06 6.46
N HIS C 68 -2.45 11.09 5.61
CA HIS C 68 -1.32 11.93 5.27
C HIS C 68 -1.51 13.29 5.93
N LEU C 69 -0.44 13.75 6.60
CA LEU C 69 -0.43 15.05 7.25
C LEU C 69 0.45 16.00 6.45
N VAL C 70 -0.13 17.13 6.04
CA VAL C 70 0.61 18.18 5.35
C VAL C 70 0.53 19.46 6.18
N LEU C 71 1.68 20.12 6.35
CA LEU C 71 1.78 21.33 7.16
C LEU C 71 1.52 22.58 6.31
N ARG C 72 0.65 23.46 6.80
CA ARG C 72 0.39 24.73 6.17
C ARG C 72 0.61 25.86 7.16
N MET D 1 7.40 -3.74 -18.67
CA MET D 1 6.56 -3.27 -17.57
C MET D 1 7.37 -2.43 -16.59
N GLN D 2 6.64 -1.63 -15.80
CA GLN D 2 7.26 -0.73 -14.84
C GLN D 2 7.16 -1.32 -13.43
N ILE D 3 8.25 -1.22 -12.68
CA ILE D 3 8.27 -1.54 -11.26
C ILE D 3 8.98 -0.42 -10.52
N PHE D 4 8.75 -0.36 -9.20
CA PHE D 4 9.39 0.63 -8.34
C PHE D 4 10.31 -0.09 -7.36
N VAL D 5 11.47 0.51 -7.08
CA VAL D 5 12.42 -0.07 -6.14
C VAL D 5 12.69 0.92 -5.01
N LYS D 6 12.18 0.61 -3.81
CA LYS D 6 12.36 1.44 -2.63
C LYS D 6 13.65 1.06 -1.90
N THR D 7 14.29 2.07 -1.31
CA THR D 7 15.49 1.87 -0.49
C THR D 7 15.20 2.28 0.95
N LEU D 8 16.10 1.88 1.86
CA LEU D 8 15.87 2.03 3.28
C LEU D 8 15.77 3.50 3.65
N THR D 9 16.84 4.26 3.36
CA THR D 9 16.93 5.66 3.73
C THR D 9 16.66 6.60 2.55
N GLY D 10 16.93 6.11 1.33
CA GLY D 10 16.98 6.97 0.16
C GLY D 10 15.74 6.96 -0.74
N LYS D 11 15.94 7.38 -1.99
CA LYS D 11 14.87 7.59 -2.94
C LYS D 11 14.33 6.28 -3.50
N THR D 12 13.14 6.35 -4.10
CA THR D 12 12.57 5.26 -4.88
C THR D 12 12.99 5.36 -6.35
N ILE D 13 13.23 4.20 -6.95
CA ILE D 13 13.71 4.08 -8.32
C ILE D 13 12.59 3.55 -9.21
N THR D 14 12.38 4.20 -10.36
CA THR D 14 11.49 3.66 -11.39
C THR D 14 12.32 2.87 -12.40
N LEU D 15 11.96 1.59 -12.59
CA LEU D 15 12.63 0.72 -13.55
C LEU D 15 11.66 0.18 -14.59
N GLU D 16 12.13 0.08 -15.84
CA GLU D 16 11.41 -0.62 -16.88
C GLU D 16 12.05 -2.00 -17.06
N VAL D 17 11.22 -3.04 -16.99
CA VAL D 17 11.71 -4.42 -16.97
C VAL D 17 10.77 -5.29 -17.82
N GLU D 18 11.09 -6.59 -17.89
CA GLU D 18 10.23 -7.57 -18.54
C GLU D 18 9.89 -8.68 -17.54
N PRO D 19 8.72 -9.34 -17.65
CA PRO D 19 8.37 -10.45 -16.77
C PRO D 19 9.42 -11.57 -16.71
N SER D 20 10.07 -11.83 -17.86
CA SER D 20 11.07 -12.88 -17.97
C SER D 20 12.46 -12.49 -17.46
N ASP D 21 12.67 -11.21 -17.11
CA ASP D 21 13.92 -10.77 -16.53
C ASP D 21 14.22 -11.52 -15.23
N THR D 22 15.43 -12.06 -15.14
CA THR D 22 15.91 -12.69 -13.91
C THR D 22 16.19 -11.60 -12.89
N ILE D 23 16.25 -11.99 -11.61
CA ILE D 23 16.61 -11.08 -10.55
C ILE D 23 18.01 -10.52 -10.78
N GLU D 24 18.91 -11.35 -11.32
CA GLU D 24 20.26 -10.90 -11.67
C GLU D 24 20.21 -9.79 -12.72
N ASN D 25 19.35 -9.96 -13.73
CA ASN D 25 19.12 -8.92 -14.73
C ASN D 25 18.65 -7.62 -14.09
N VAL D 26 17.72 -7.70 -13.13
CA VAL D 26 17.16 -6.52 -12.48
C VAL D 26 18.22 -5.79 -11.67
N LYS D 27 19.08 -6.54 -10.96
CA LYS D 27 20.19 -5.94 -10.25
C LYS D 27 21.15 -5.22 -11.20
N ALA D 28 21.35 -5.81 -12.40
CA ALA D 28 22.16 -5.19 -13.43
C ALA D 28 21.53 -3.88 -13.92
N LYS D 29 20.20 -3.84 -14.03
CA LYS D 29 19.50 -2.63 -14.40
C LYS D 29 19.63 -1.56 -13.32
N ILE D 30 19.65 -1.99 -12.05
CA ILE D 30 19.84 -1.09 -10.94
C ILE D 30 21.26 -0.51 -10.94
N GLN D 31 22.24 -1.34 -11.31
CA GLN D 31 23.61 -0.87 -11.45
C GLN D 31 23.70 0.17 -12.56
N ASP D 32 23.05 -0.11 -13.70
CA ASP D 32 23.03 0.80 -14.83
C ASP D 32 22.45 2.16 -14.44
N LYS D 33 21.35 2.14 -13.69
CA LYS D 33 20.63 3.34 -13.31
C LYS D 33 21.31 4.09 -12.16
N GLU D 34 21.65 3.36 -11.09
CA GLU D 34 22.11 3.97 -9.84
C GLU D 34 23.59 3.79 -9.52
N GLY D 35 24.26 2.89 -10.24
CA GLY D 35 25.68 2.63 -10.02
C GLY D 35 25.99 1.74 -8.82
N ILE D 36 24.97 1.03 -8.32
CA ILE D 36 25.13 0.12 -7.19
C ILE D 36 25.51 -1.26 -7.70
N PRO D 37 26.67 -1.83 -7.28
CA PRO D 37 27.10 -3.14 -7.78
C PRO D 37 26.14 -4.25 -7.33
N PRO D 38 25.76 -5.18 -8.24
CA PRO D 38 24.83 -6.25 -7.91
C PRO D 38 25.11 -7.04 -6.63
N ASP D 39 26.39 -7.29 -6.34
CA ASP D 39 26.77 -8.09 -5.19
C ASP D 39 26.53 -7.39 -3.85
N GLN D 40 26.17 -6.10 -3.89
CA GLN D 40 25.76 -5.36 -2.71
C GLN D 40 24.25 -5.25 -2.54
N GLN D 41 23.49 -5.78 -3.52
CA GLN D 41 22.05 -5.64 -3.54
C GLN D 41 21.31 -6.84 -2.99
N ARG D 42 20.39 -6.58 -2.04
CA ARG D 42 19.38 -7.54 -1.63
C ARG D 42 18.02 -7.03 -2.07
N LEU D 43 17.35 -7.79 -2.95
CA LEU D 43 16.01 -7.45 -3.39
C LEU D 43 15.00 -8.30 -2.63
N ILE D 44 13.94 -7.64 -2.12
CA ILE D 44 12.90 -8.29 -1.33
C ILE D 44 11.53 -7.95 -1.90
N PHE D 45 10.66 -8.97 -1.95
CA PHE D 45 9.29 -8.79 -2.39
C PHE D 45 8.39 -9.73 -1.59
N ALA D 46 7.28 -9.18 -1.06
CA ALA D 46 6.30 -9.95 -0.31
C ALA D 46 6.93 -10.79 0.79
N GLY D 47 7.89 -10.19 1.51
CA GLY D 47 8.49 -10.85 2.67
C GLY D 47 9.74 -11.67 2.41
N LYS D 48 10.00 -11.96 1.14
CA LYS D 48 11.11 -12.90 0.82
C LYS D 48 12.24 -12.27 -0.02
N GLN D 49 13.47 -12.65 0.29
CA GLN D 49 14.63 -12.25 -0.50
C GLN D 49 14.61 -13.01 -1.83
N LEU D 50 14.82 -12.27 -2.92
CA LEU D 50 14.67 -12.83 -4.26
C LEU D 50 15.97 -13.46 -4.74
N GLU D 51 15.85 -14.64 -5.38
CA GLU D 51 17.01 -15.39 -5.85
C GLU D 51 17.39 -15.00 -7.28
N ASP D 52 18.70 -14.88 -7.52
CA ASP D 52 19.24 -14.39 -8.78
C ASP D 52 18.77 -15.13 -10.03
N GLY D 53 18.68 -16.47 -9.94
CA GLY D 53 18.31 -17.30 -11.07
C GLY D 53 16.84 -17.28 -11.45
N ARG D 54 16.01 -16.75 -10.54
CA ARG D 54 14.54 -16.76 -10.77
C ARG D 54 14.11 -15.46 -11.46
N THR D 55 12.91 -15.48 -12.05
CA THR D 55 12.37 -14.33 -12.77
C THR D 55 11.39 -13.53 -11.93
N LEU D 56 11.10 -12.31 -12.39
CA LEU D 56 10.07 -11.47 -11.80
C LEU D 56 8.72 -12.18 -11.79
N SER D 57 8.41 -12.85 -12.91
CA SER D 57 7.16 -13.60 -13.03
C SER D 57 7.09 -14.81 -12.10
N ASP D 58 8.23 -15.46 -11.84
CA ASP D 58 8.31 -16.54 -10.85
C ASP D 58 7.76 -16.11 -9.50
N TYR D 59 8.03 -14.85 -9.12
CA TYR D 59 7.56 -14.28 -7.86
C TYR D 59 6.25 -13.52 -7.98
N ASN D 60 5.59 -13.66 -9.14
CA ASN D 60 4.36 -12.93 -9.46
C ASN D 60 4.51 -11.42 -9.28
N ILE D 61 5.68 -10.89 -9.66
CA ILE D 61 5.91 -9.45 -9.69
C ILE D 61 5.32 -8.94 -11.01
N GLN D 62 4.42 -7.95 -10.90
CA GLN D 62 3.61 -7.51 -12.02
C GLN D 62 3.81 -6.03 -12.32
N LYS D 63 3.06 -5.53 -13.31
CA LYS D 63 3.03 -4.11 -13.63
C LYS D 63 2.85 -3.27 -12.37
N GLU D 64 3.78 -2.34 -12.16
CA GLU D 64 3.69 -1.34 -11.10
C GLU D 64 3.90 -1.89 -9.69
N SER D 65 4.43 -3.12 -9.57
CA SER D 65 4.81 -3.66 -8.27
C SER D 65 5.97 -2.88 -7.68
N THR D 66 6.10 -2.97 -6.34
CA THR D 66 7.22 -2.34 -5.63
C THR D 66 8.10 -3.41 -5.01
N LEU D 67 9.41 -3.34 -5.29
CA LEU D 67 10.41 -4.15 -4.64
C LEU D 67 11.14 -3.31 -3.60
N HIS D 68 11.72 -3.98 -2.59
CA HIS D 68 12.54 -3.31 -1.60
C HIS D 68 14.00 -3.69 -1.84
N LEU D 69 14.86 -2.67 -1.87
CA LEU D 69 16.29 -2.86 -2.05
C LEU D 69 16.99 -2.57 -0.72
N VAL D 70 17.76 -3.56 -0.24
CA VAL D 70 18.57 -3.40 0.95
C VAL D 70 20.04 -3.59 0.57
N LEU D 71 20.89 -2.66 1.03
CA LEU D 71 22.30 -2.66 0.69
C LEU D 71 23.09 -3.46 1.72
N ARG D 72 23.90 -4.39 1.23
CA ARG D 72 24.73 -5.23 2.13
C ARG D 72 25.77 -4.33 2.82
#